data_5VB3
#
_entry.id   5VB3
#
_cell.length_a   61.272
_cell.length_b   61.272
_cell.length_c   154.226
_cell.angle_alpha   90.00
_cell.angle_beta   90.00
_cell.angle_gamma   90.00
#
_symmetry.space_group_name_H-M   'P 41 21 2'
#
loop_
_entity.id
_entity.type
_entity.pdbx_description
1 polymer 'Nuclear receptor ROR-gamma, SRC2 chimera'
2 non-polymer 'SODIUM ION'
3 water water
#
_entity_poly.entity_id   1
_entity_poly.type   'polypeptide(L)'
_entity_poly.pdbx_seq_one_letter_code
;MGSSHHHHHHLVPRGSPEAPYASLTEIEHLVQSVCKSYRETCQLRLEDLLRQRSNIFSREEVTGYQRKSMWEMWERCAHH
LTEAIQYVVEFAKRLSGFMELCQNDQIVLLKAGAMEVVLVRMCRAYNADNRTVFFEGKYGGMELFRALGCSELISSIFDF
SHSLSALHFSEDEIALYTALVLINAHRPGLQEKRKVEQLQYNLELAFHHHLCKTHRQSILAKLPPKGKLRSLCSQHVERL
QIFQHLHPIVVQAAFPPLYKELFSGGGEKHKILHRLLQDS
;
_entity_poly.pdbx_strand_id   A
#
loop_
_chem_comp.id
_chem_comp.type
_chem_comp.name
_chem_comp.formula
NA non-polymer 'SODIUM ION' 'Na 1'
#
# COMPACT_ATOMS: atom_id res chain seq x y z
N ALA A 22 13.94 -22.97 -9.44
CA ALA A 22 13.05 -23.05 -10.61
C ALA A 22 13.84 -23.07 -11.91
N SER A 23 13.16 -22.86 -13.03
CA SER A 23 13.76 -22.76 -14.35
C SER A 23 12.92 -21.83 -15.21
N LEU A 24 13.27 -21.71 -16.50
CA LEU A 24 12.72 -20.60 -17.29
C LEU A 24 11.21 -20.70 -17.47
N THR A 25 10.68 -21.91 -17.71
CA THR A 25 9.24 -22.07 -17.82
C THR A 25 8.55 -21.71 -16.51
N GLU A 26 9.14 -22.14 -15.39
CA GLU A 26 8.53 -21.88 -14.09
C GLU A 26 8.60 -20.40 -13.73
N ILE A 27 9.71 -19.73 -14.06
CA ILE A 27 9.83 -18.29 -13.80
C ILE A 27 8.73 -17.53 -14.52
N GLU A 28 8.57 -17.81 -15.82
N GLU A 28 8.58 -17.78 -15.83
CA GLU A 28 7.56 -17.12 -16.61
CA GLU A 28 7.54 -17.07 -16.56
C GLU A 28 6.15 -17.44 -16.13
C GLU A 28 6.15 -17.40 -16.03
N HIS A 29 5.95 -18.64 -15.56
CA HIS A 29 4.66 -18.96 -14.96
C HIS A 29 4.41 -18.12 -13.73
N LEU A 30 5.43 -17.95 -12.90
CA LEU A 30 5.31 -17.10 -11.73
C LEU A 30 5.04 -15.65 -12.13
N VAL A 31 5.68 -15.17 -13.20
CA VAL A 31 5.39 -13.82 -13.69
C VAL A 31 3.90 -13.69 -13.99
N GLN A 32 3.35 -14.59 -14.80
CA GLN A 32 1.95 -14.47 -15.18
C GLN A 32 1.02 -14.65 -13.99
N SER A 33 1.37 -15.55 -13.08
CA SER A 33 0.53 -15.77 -11.89
C SER A 33 0.48 -14.53 -11.01
N VAL A 34 1.63 -13.89 -10.80
CA VAL A 34 1.67 -12.68 -9.97
C VAL A 34 0.89 -11.54 -10.60
N CYS A 35 1.04 -11.37 -11.92
CA CYS A 35 0.31 -10.31 -12.62
C CYS A 35 -1.19 -10.56 -12.62
N LYS A 36 -1.60 -11.83 -12.71
CA LYS A 36 -3.01 -12.16 -12.59
C LYS A 36 -3.54 -11.87 -11.19
N SER A 37 -2.79 -12.30 -10.16
CA SER A 37 -3.22 -12.04 -8.78
C SER A 37 -3.38 -10.54 -8.54
N TYR A 38 -2.49 -9.74 -9.09
CA TYR A 38 -2.57 -8.30 -8.91
C TYR A 38 -3.79 -7.71 -9.61
N ARG A 39 -4.07 -8.14 -10.86
CA ARG A 39 -5.22 -7.60 -11.57
C ARG A 39 -6.53 -7.89 -10.84
N GLU A 40 -6.68 -9.10 -10.31
CA GLU A 40 -7.89 -9.52 -9.60
C GLU A 40 -8.05 -8.85 -8.25
N THR A 41 -6.99 -8.24 -7.70
CA THR A 41 -7.05 -7.59 -6.40
C THR A 41 -6.79 -6.10 -6.48
N CYS A 42 -6.92 -5.53 -7.68
CA CYS A 42 -6.89 -4.08 -7.82
C CYS A 42 -8.23 -3.49 -7.40
N GLN A 43 -8.17 -2.54 -6.48
CA GLN A 43 -9.36 -1.76 -6.12
C GLN A 43 -9.95 -1.10 -7.36
N LEU A 44 -9.09 -0.46 -8.16
CA LEU A 44 -9.51 0.29 -9.33
C LEU A 44 -8.63 -0.10 -10.51
N ARG A 45 -9.23 -0.32 -11.67
CA ARG A 45 -8.41 -0.49 -12.86
C ARG A 45 -7.70 0.81 -13.19
N LEU A 46 -6.47 0.69 -13.71
CA LEU A 46 -5.71 1.89 -14.08
C LEU A 46 -6.50 2.75 -15.05
N GLU A 47 -7.12 2.12 -16.05
CA GLU A 47 -7.92 2.87 -17.01
C GLU A 47 -9.02 3.67 -16.32
N ASP A 48 -9.66 3.08 -15.31
CA ASP A 48 -10.67 3.81 -14.54
C ASP A 48 -10.07 5.04 -13.88
N LEU A 49 -8.84 4.92 -13.36
CA LEU A 49 -8.21 6.04 -12.67
C LEU A 49 -7.83 7.14 -13.65
N LEU A 50 -7.36 6.76 -14.84
CA LEU A 50 -6.94 7.75 -15.83
C LEU A 50 -8.14 8.51 -16.39
N ARG A 51 -9.25 7.81 -16.62
CA ARG A 51 -10.43 8.47 -17.17
C ARG A 51 -10.98 9.54 -16.25
N GLN A 52 -10.70 9.47 -14.95
CA GLN A 52 -11.23 10.40 -13.97
C GLN A 52 -10.37 11.65 -13.79
N ARG A 53 -9.28 11.78 -14.56
CA ARG A 53 -8.28 12.80 -14.26
C ARG A 53 -8.82 14.22 -14.41
N SER A 54 -9.85 14.42 -15.24
CA SER A 54 -10.46 15.74 -15.35
C SER A 54 -11.45 16.03 -14.24
N ASN A 55 -11.79 15.03 -13.42
CA ASN A 55 -12.77 15.18 -12.35
C ASN A 55 -12.02 15.60 -11.08
N ILE A 56 -11.87 16.90 -10.91
CA ILE A 56 -11.08 17.48 -9.83
C ILE A 56 -12.02 18.24 -8.89
N PHE A 57 -11.69 18.21 -7.60
CA PHE A 57 -12.48 18.95 -6.63
C PHE A 57 -12.42 20.44 -6.94
N SER A 58 -13.58 21.10 -6.89
CA SER A 58 -13.63 22.55 -7.08
C SER A 58 -13.05 23.26 -5.87
N ARG A 59 -12.75 24.54 -6.04
CA ARG A 59 -12.24 25.31 -4.92
C ARG A 59 -13.23 25.35 -3.76
N GLU A 60 -14.53 25.35 -4.07
CA GLU A 60 -15.53 25.32 -3.01
C GLU A 60 -15.58 23.96 -2.32
N GLU A 61 -15.40 22.88 -3.07
CA GLU A 61 -15.32 21.56 -2.45
C GLU A 61 -14.04 21.40 -1.64
N VAL A 62 -12.95 22.04 -2.06
CA VAL A 62 -11.71 21.99 -1.30
C VAL A 62 -11.87 22.74 0.02
N THR A 63 -12.44 23.95 -0.03
CA THR A 63 -12.74 24.69 1.20
C THR A 63 -13.58 23.87 2.17
N GLY A 64 -14.53 23.09 1.65
CA GLY A 64 -15.34 22.23 2.50
C GLY A 64 -14.55 21.14 3.18
N TYR A 65 -13.60 20.53 2.46
CA TYR A 65 -12.72 19.56 3.12
C TYR A 65 -11.90 20.22 4.22
N GLN A 66 -11.42 21.43 3.96
CA GLN A 66 -10.56 22.11 4.93
C GLN A 66 -11.34 22.57 6.15
N ARG A 67 -12.66 22.71 6.06
CA ARG A 67 -13.49 23.06 7.21
C ARG A 67 -13.97 21.86 7.99
N LYS A 68 -13.70 20.64 7.51
CA LYS A 68 -14.06 19.46 8.29
C LYS A 68 -13.19 19.38 9.53
N SER A 69 -13.73 18.78 10.58
CA SER A 69 -12.97 18.67 11.82
C SER A 69 -11.78 17.76 11.60
N MET A 70 -10.76 17.93 12.45
CA MET A 70 -9.58 17.09 12.39
C MET A 70 -9.95 15.62 12.55
N TRP A 71 -10.85 15.32 13.48
N TRP A 71 -10.84 15.31 13.47
CA TRP A 71 -11.16 13.92 13.77
CA TRP A 71 -11.12 13.91 13.74
C TRP A 71 -12.00 13.28 12.67
C TRP A 71 -12.00 13.27 12.66
N GLU A 72 -12.83 14.06 11.97
CA GLU A 72 -13.60 13.47 10.88
C GLU A 72 -12.71 13.17 9.67
N MET A 73 -11.77 14.06 9.37
CA MET A 73 -10.86 13.79 8.26
C MET A 73 -9.98 12.59 8.54
N TRP A 74 -9.55 12.42 9.80
CA TRP A 74 -8.75 11.26 10.17
C TRP A 74 -9.53 9.98 10.00
N GLU A 75 -10.79 9.98 10.46
CA GLU A 75 -11.65 8.82 10.30
C GLU A 75 -11.85 8.48 8.83
N ARG A 76 -12.13 9.50 8.00
CA ARG A 76 -12.33 9.25 6.58
C ARG A 76 -11.07 8.74 5.91
N CYS A 77 -9.89 9.27 6.28
CA CYS A 77 -8.65 8.75 5.71
C CYS A 77 -8.36 7.34 6.20
N ALA A 78 -8.63 7.06 7.47
CA ALA A 78 -8.45 5.70 7.98
C ALA A 78 -9.36 4.70 7.27
N HIS A 79 -10.60 5.11 6.98
CA HIS A 79 -11.51 4.25 6.22
C HIS A 79 -10.99 4.03 4.81
N HIS A 80 -10.57 5.11 4.13
CA HIS A 80 -9.99 4.99 2.80
C HIS A 80 -8.82 4.01 2.82
N LEU A 81 -7.95 4.16 3.81
CA LEU A 81 -6.75 3.32 3.87
C LEU A 81 -7.11 1.87 4.17
N THR A 82 -8.10 1.64 5.03
CA THR A 82 -8.48 0.29 5.40
C THR A 82 -9.04 -0.48 4.19
N GLU A 83 -9.83 0.19 3.36
CA GLU A 83 -10.35 -0.45 2.15
C GLU A 83 -9.23 -0.86 1.21
N ALA A 84 -8.23 0.02 1.01
CA ALA A 84 -7.10 -0.33 0.18
C ALA A 84 -6.32 -1.50 0.78
N ILE A 85 -6.13 -1.49 2.09
CA ILE A 85 -5.39 -2.57 2.75
C ILE A 85 -6.10 -3.91 2.57
N GLN A 86 -7.45 -3.90 2.60
CA GLN A 86 -8.21 -5.14 2.41
C GLN A 86 -7.93 -5.76 1.05
N TYR A 87 -7.71 -4.93 0.02
CA TYR A 87 -7.34 -5.50 -1.28
C TYR A 87 -5.93 -6.08 -1.25
N VAL A 88 -5.02 -5.45 -0.51
CA VAL A 88 -3.65 -5.98 -0.40
C VAL A 88 -3.66 -7.33 0.29
N VAL A 89 -4.50 -7.50 1.32
CA VAL A 89 -4.62 -8.80 1.97
C VAL A 89 -5.05 -9.87 0.97
N GLU A 90 -6.02 -9.54 0.10
CA GLU A 90 -6.47 -10.50 -0.91
C GLU A 90 -5.35 -10.80 -1.90
N PHE A 91 -4.60 -9.78 -2.31
CA PHE A 91 -3.43 -9.99 -3.15
C PHE A 91 -2.47 -10.99 -2.52
N ALA A 92 -2.15 -10.79 -1.23
CA ALA A 92 -1.26 -11.71 -0.52
C ALA A 92 -1.80 -13.13 -0.53
N LYS A 93 -3.08 -13.30 -0.22
CA LYS A 93 -3.66 -14.64 -0.17
C LYS A 93 -3.54 -15.35 -1.52
N ARG A 94 -3.66 -14.59 -2.61
CA ARG A 94 -3.54 -15.14 -3.96
C ARG A 94 -2.11 -15.23 -4.46
N LEU A 95 -1.12 -14.85 -3.65
CA LEU A 95 0.27 -14.86 -4.08
C LEU A 95 0.88 -16.24 -3.89
N SER A 96 1.59 -16.73 -4.91
CA SER A 96 2.13 -18.08 -4.89
C SER A 96 2.99 -18.31 -3.66
N GLY A 97 2.68 -19.36 -2.91
CA GLY A 97 3.44 -19.71 -1.74
C GLY A 97 3.06 -18.99 -0.47
N PHE A 98 2.35 -17.86 -0.54
CA PHE A 98 2.06 -17.11 0.68
C PHE A 98 1.23 -17.92 1.65
N MET A 99 0.17 -18.58 1.15
CA MET A 99 -0.68 -19.35 2.06
C MET A 99 -0.01 -20.61 2.55
N GLU A 100 1.12 -21.01 1.96
CA GLU A 100 1.89 -22.14 2.47
C GLU A 100 2.61 -21.77 3.76
N LEU A 101 3.04 -20.52 3.88
CA LEU A 101 3.71 -20.06 5.09
C LEU A 101 2.80 -20.22 6.31
N CYS A 102 3.43 -20.32 7.48
CA CYS A 102 2.67 -20.43 8.72
C CYS A 102 1.95 -19.13 9.03
N GLN A 103 0.88 -19.23 9.83
CA GLN A 103 0.05 -18.06 10.07
C GLN A 103 0.81 -16.97 10.80
N ASN A 104 1.72 -17.34 11.70
CA ASN A 104 2.56 -16.32 12.35
C ASN A 104 3.28 -15.49 11.29
N ASP A 105 3.83 -16.14 10.26
CA ASP A 105 4.61 -15.43 9.26
C ASP A 105 3.73 -14.67 8.27
N GLN A 106 2.58 -15.25 7.89
CA GLN A 106 1.60 -14.52 7.11
C GLN A 106 1.26 -13.19 7.77
N ILE A 107 1.07 -13.21 9.08
CA ILE A 107 0.65 -12.01 9.81
C ILE A 107 1.83 -11.05 9.95
N VAL A 108 3.03 -11.57 10.21
CA VAL A 108 4.21 -10.71 10.27
C VAL A 108 4.39 -9.96 8.96
N LEU A 109 4.29 -10.68 7.84
CA LEU A 109 4.50 -10.06 6.53
C LEU A 109 3.41 -9.02 6.24
N LEU A 110 2.15 -9.34 6.53
CA LEU A 110 1.08 -8.40 6.25
C LEU A 110 1.18 -7.16 7.14
N LYS A 111 1.45 -7.33 8.44
CA LYS A 111 1.58 -6.19 9.34
C LYS A 111 2.71 -5.27 8.93
N ALA A 112 3.79 -5.83 8.40
CA ALA A 112 4.94 -5.03 8.01
C ALA A 112 4.71 -4.37 6.65
N GLY A 113 4.11 -5.08 5.69
CA GLY A 113 4.16 -4.63 4.32
C GLY A 113 2.85 -4.17 3.70
N ALA A 114 1.73 -4.39 4.38
CA ALA A 114 0.43 -4.00 3.80
C ALA A 114 0.41 -2.51 3.46
N MET A 115 0.77 -1.66 4.43
CA MET A 115 0.81 -0.23 4.18
C MET A 115 1.87 0.12 3.14
N GLU A 116 2.99 -0.59 3.14
CA GLU A 116 4.02 -0.32 2.14
C GLU A 116 3.48 -0.56 0.74
N VAL A 117 2.73 -1.66 0.54
CA VAL A 117 2.12 -1.92 -0.76
C VAL A 117 1.15 -0.81 -1.13
N VAL A 118 0.33 -0.37 -0.17
CA VAL A 118 -0.66 0.67 -0.44
C VAL A 118 0.03 1.96 -0.89
N LEU A 119 1.13 2.31 -0.23
CA LEU A 119 1.87 3.51 -0.62
C LEU A 119 2.42 3.38 -2.03
N VAL A 120 2.85 2.18 -2.42
CA VAL A 120 3.31 1.98 -3.79
C VAL A 120 2.13 2.00 -4.76
N ARG A 121 1.05 1.26 -4.45
CA ARG A 121 -0.12 1.26 -5.32
C ARG A 121 -0.69 2.67 -5.53
N MET A 122 -0.45 3.58 -4.58
CA MET A 122 -1.04 4.91 -4.65
C MET A 122 -0.61 5.69 -5.88
N CYS A 123 0.59 5.41 -6.43
CA CYS A 123 1.05 6.22 -7.55
C CYS A 123 0.16 6.07 -8.78
N ARG A 124 -0.57 4.95 -8.89
CA ARG A 124 -1.53 4.80 -9.98
C ARG A 124 -2.63 5.84 -9.90
N ALA A 125 -2.99 6.26 -8.69
CA ALA A 125 -4.07 7.21 -8.43
C ALA A 125 -3.56 8.64 -8.25
N TYR A 126 -2.30 8.90 -8.58
CA TYR A 126 -1.68 10.21 -8.43
C TYR A 126 -1.41 10.79 -9.81
N ASN A 127 -1.74 12.07 -9.99
CA ASN A 127 -1.50 12.78 -11.24
C ASN A 127 -0.33 13.73 -11.03
N ALA A 128 0.83 13.38 -11.61
CA ALA A 128 2.01 14.23 -11.47
C ALA A 128 1.87 15.55 -12.21
N ASP A 129 1.02 15.61 -13.24
CA ASP A 129 0.81 16.87 -13.98
C ASP A 129 0.34 17.98 -13.06
N ASN A 130 -0.56 17.67 -12.13
CA ASN A 130 -1.16 18.69 -11.28
C ASN A 130 -1.02 18.38 -9.79
N ARG A 131 -0.33 17.30 -9.44
CA ARG A 131 -0.08 16.94 -8.05
C ARG A 131 -1.38 16.66 -7.29
N THR A 132 -2.27 15.90 -7.91
CA THR A 132 -3.52 15.51 -7.29
C THR A 132 -3.59 14.01 -7.12
N VAL A 133 -4.39 13.57 -6.14
CA VAL A 133 -4.63 12.17 -5.88
C VAL A 133 -6.13 11.91 -5.93
N PHE A 134 -6.51 10.74 -6.42
CA PHE A 134 -7.91 10.33 -6.44
C PHE A 134 -8.33 9.95 -5.03
N PHE A 135 -9.30 10.69 -4.49
CA PHE A 135 -9.72 10.50 -3.11
C PHE A 135 -11.22 10.84 -3.02
N GLU A 136 -12.00 9.89 -2.51
CA GLU A 136 -13.43 10.08 -2.30
C GLU A 136 -14.15 10.56 -3.56
N GLY A 137 -13.72 10.03 -4.72
CA GLY A 137 -14.45 10.17 -5.95
C GLY A 137 -13.92 11.21 -6.91
N LYS A 138 -12.98 12.06 -6.48
CA LYS A 138 -12.40 13.07 -7.36
C LYS A 138 -10.91 13.20 -7.05
N TYR A 139 -10.23 13.98 -7.88
CA TYR A 139 -8.81 14.26 -7.68
C TYR A 139 -8.66 15.56 -6.90
N GLY A 140 -7.84 15.54 -5.86
CA GLY A 140 -7.54 16.74 -5.11
C GLY A 140 -6.08 16.75 -4.68
N GLY A 141 -5.55 17.97 -4.51
CA GLY A 141 -4.18 18.17 -4.09
C GLY A 141 -4.01 18.02 -2.60
N MET A 142 -2.77 18.21 -2.14
CA MET A 142 -2.51 17.99 -0.72
C MET A 142 -3.24 18.99 0.17
N GLU A 143 -3.66 20.14 -0.38
N GLU A 143 -3.68 20.14 -0.36
CA GLU A 143 -4.43 21.09 0.40
CA GLU A 143 -4.45 21.08 0.45
C GLU A 143 -5.77 20.51 0.87
C GLU A 143 -5.75 20.46 0.92
N LEU A 144 -6.27 19.47 0.19
CA LEU A 144 -7.50 18.80 0.59
C LEU A 144 -7.39 18.20 1.99
N PHE A 145 -6.18 17.89 2.45
CA PHE A 145 -5.96 17.16 3.70
C PHE A 145 -5.49 18.06 4.83
N ARG A 146 -5.64 19.38 4.68
CA ARG A 146 -5.05 20.30 5.66
C ARG A 146 -5.66 20.14 7.05
N ALA A 147 -6.89 19.65 7.14
CA ALA A 147 -7.53 19.52 8.45
C ALA A 147 -6.88 18.45 9.30
N LEU A 148 -6.10 17.54 8.70
CA LEU A 148 -5.52 16.44 9.47
C LEU A 148 -4.50 16.93 10.48
N GLY A 149 -3.82 18.04 10.18
CA GLY A 149 -2.75 18.49 11.05
C GLY A 149 -1.53 17.61 11.03
N CYS A 150 -1.27 16.93 9.91
CA CYS A 150 -0.05 16.16 9.71
C CYS A 150 0.55 16.54 8.36
N SER A 151 0.89 17.82 8.21
CA SER A 151 1.26 18.35 6.89
C SER A 151 2.54 17.72 6.38
N GLU A 152 3.47 17.38 7.26
CA GLU A 152 4.74 16.79 6.84
C GLU A 152 4.52 15.40 6.23
N LEU A 153 3.76 14.55 6.93
CA LEU A 153 3.45 13.22 6.41
C LEU A 153 2.77 13.32 5.05
N ILE A 154 1.76 14.19 4.93
CA ILE A 154 1.03 14.33 3.67
C ILE A 154 1.97 14.67 2.54
N SER A 155 2.80 15.71 2.71
CA SER A 155 3.71 16.06 1.64
C SER A 155 4.76 14.98 1.42
N SER A 156 5.17 14.25 2.47
CA SER A 156 6.06 13.11 2.29
C SER A 156 5.43 12.04 1.41
N ILE A 157 4.15 11.73 1.65
CA ILE A 157 3.47 10.73 0.85
C ILE A 157 3.31 11.22 -0.59
N PHE A 158 2.91 12.48 -0.75
CA PHE A 158 2.77 13.04 -2.09
C PHE A 158 4.11 13.05 -2.84
N ASP A 159 5.18 13.43 -2.15
CA ASP A 159 6.50 13.40 -2.79
C ASP A 159 6.88 11.99 -3.20
N PHE A 160 6.54 11.01 -2.36
CA PHE A 160 6.83 9.62 -2.70
C PHE A 160 6.08 9.20 -3.97
N SER A 161 4.78 9.50 -4.04
CA SER A 161 4.01 9.20 -5.25
C SER A 161 4.55 9.94 -6.45
N HIS A 162 4.99 11.19 -6.25
CA HIS A 162 5.54 11.96 -7.35
C HIS A 162 6.80 11.29 -7.90
N SER A 163 7.66 10.79 -7.00
CA SER A 163 8.88 10.10 -7.41
C SER A 163 8.56 8.82 -8.17
N LEU A 164 7.64 8.00 -7.64
CA LEU A 164 7.26 6.76 -8.31
C LEU A 164 6.62 7.02 -9.67
N SER A 165 5.82 8.09 -9.78
CA SER A 165 5.19 8.41 -11.05
C SER A 165 6.22 8.67 -12.14
N ALA A 166 7.38 9.22 -11.78
CA ALA A 166 8.44 9.44 -12.75
C ALA A 166 8.98 8.15 -13.35
N LEU A 167 8.75 7.01 -12.69
CA LEU A 167 9.23 5.73 -13.21
C LEU A 167 8.35 5.17 -14.33
N HIS A 168 7.09 5.62 -14.43
CA HIS A 168 6.17 5.15 -15.47
C HIS A 168 5.96 3.63 -15.42
N PHE A 169 5.70 3.14 -14.20
CA PHE A 169 5.43 1.73 -13.97
C PHE A 169 4.34 1.22 -14.91
N SER A 170 4.56 0.05 -15.51
CA SER A 170 3.46 -0.69 -16.08
C SER A 170 2.72 -1.45 -14.96
N GLU A 171 1.51 -1.91 -15.28
CA GLU A 171 0.76 -2.70 -14.31
C GLU A 171 1.51 -3.98 -13.93
N ASP A 172 2.15 -4.63 -14.90
CA ASP A 172 2.93 -5.82 -14.60
C ASP A 172 4.09 -5.49 -13.67
N GLU A 173 4.75 -4.35 -13.90
CA GLU A 173 5.87 -3.96 -13.04
C GLU A 173 5.40 -3.70 -11.61
N ILE A 174 4.28 -3.00 -11.47
CA ILE A 174 3.73 -2.76 -10.13
C ILE A 174 3.36 -4.09 -9.47
N ALA A 175 2.80 -5.03 -10.23
CA ALA A 175 2.45 -6.33 -9.66
C ALA A 175 3.69 -7.03 -9.09
N LEU A 176 4.73 -7.15 -9.90
CA LEU A 176 5.92 -7.89 -9.49
C LEU A 176 6.65 -7.17 -8.36
N TYR A 177 6.70 -5.84 -8.41
CA TYR A 177 7.42 -5.09 -7.39
C TYR A 177 6.71 -5.15 -6.05
N THR A 178 5.38 -5.01 -6.05
CA THR A 178 4.65 -5.05 -4.78
C THR A 178 4.62 -6.45 -4.18
N ALA A 179 4.63 -7.49 -5.01
CA ALA A 179 4.83 -8.84 -4.48
C ALA A 179 6.13 -8.92 -3.70
N LEU A 180 7.19 -8.30 -4.22
CA LEU A 180 8.47 -8.32 -3.51
C LEU A 180 8.44 -7.45 -2.27
N VAL A 181 7.75 -6.31 -2.33
CA VAL A 181 7.56 -5.49 -1.13
C VAL A 181 6.97 -6.34 -0.01
N LEU A 182 5.99 -7.18 -0.35
CA LEU A 182 5.34 -8.00 0.65
C LEU A 182 6.22 -9.18 1.09
N ILE A 183 6.82 -9.89 0.15
CA ILE A 183 7.55 -11.14 0.49
C ILE A 183 8.99 -10.73 0.78
N ASN A 184 9.21 -10.26 2.01
CA ASN A 184 10.49 -9.74 2.47
C ASN A 184 10.97 -10.60 3.63
N ALA A 185 12.01 -11.41 3.38
CA ALA A 185 12.52 -12.34 4.38
C ALA A 185 13.23 -11.68 5.55
N HIS A 186 13.48 -10.37 5.49
CA HIS A 186 14.15 -9.66 6.58
C HIS A 186 13.19 -9.12 7.63
N ARG A 187 11.89 -9.30 7.48
CA ARG A 187 10.97 -8.75 8.46
C ARG A 187 11.23 -9.42 9.81
N PRO A 188 11.46 -8.64 10.88
CA PRO A 188 11.63 -9.25 12.20
C PRO A 188 10.41 -10.05 12.61
N GLY A 189 10.66 -11.22 13.21
CA GLY A 189 9.60 -12.05 13.77
C GLY A 189 9.22 -13.26 12.95
N LEU A 190 9.83 -13.45 11.78
CA LEU A 190 9.51 -14.61 10.97
C LEU A 190 10.07 -15.87 11.63
N GLN A 191 9.24 -16.89 11.73
CA GLN A 191 9.68 -18.17 12.27
C GLN A 191 10.30 -19.07 11.22
N GLU A 192 9.86 -18.97 9.98
CA GLU A 192 10.44 -19.74 8.89
C GLU A 192 11.10 -18.80 7.90
N LYS A 193 12.21 -18.19 8.34
CA LYS A 193 12.91 -17.20 7.52
C LYS A 193 13.42 -17.83 6.23
N ARG A 194 14.01 -19.03 6.31
CA ARG A 194 14.55 -19.67 5.11
C ARG A 194 13.46 -19.93 4.07
N LYS A 195 12.26 -20.31 4.52
CA LYS A 195 11.16 -20.53 3.57
C LYS A 195 10.77 -19.23 2.88
N VAL A 196 10.77 -18.12 3.62
CA VAL A 196 10.46 -16.82 3.01
C VAL A 196 11.60 -16.37 2.10
N GLU A 197 12.85 -16.66 2.47
CA GLU A 197 13.97 -16.35 1.60
C GLU A 197 13.80 -17.01 0.23
N GLN A 198 13.36 -18.27 0.22
N GLN A 198 13.37 -18.28 0.21
CA GLN A 198 13.21 -18.99 -1.05
CA GLN A 198 13.21 -18.97 -1.06
C GLN A 198 12.08 -18.41 -1.89
C GLN A 198 12.09 -18.36 -1.89
N LEU A 199 10.98 -18.01 -1.25
CA LEU A 199 9.88 -17.38 -1.99
C LEU A 199 10.31 -16.03 -2.53
N GLN A 200 10.99 -15.23 -1.70
CA GLN A 200 11.54 -13.95 -2.15
C GLN A 200 12.46 -14.11 -3.35
N TYR A 201 13.37 -15.09 -3.29
CA TYR A 201 14.32 -15.29 -4.40
C TYR A 201 13.59 -15.61 -5.70
N ASN A 202 12.59 -16.50 -5.65
CA ASN A 202 11.84 -16.83 -6.85
C ASN A 202 11.11 -15.61 -7.41
N LEU A 203 10.55 -14.77 -6.53
CA LEU A 203 9.83 -13.59 -6.99
C LEU A 203 10.79 -12.54 -7.54
N GLU A 204 11.98 -12.44 -6.97
CA GLU A 204 13.01 -11.58 -7.53
C GLU A 204 13.38 -12.04 -8.93
N LEU A 205 13.60 -13.34 -9.11
CA LEU A 205 13.87 -13.90 -10.43
C LEU A 205 12.77 -13.54 -11.42
N ALA A 206 11.51 -13.67 -10.99
CA ALA A 206 10.39 -13.34 -11.86
C ALA A 206 10.40 -11.87 -12.24
N PHE A 207 10.57 -10.99 -11.25
CA PHE A 207 10.61 -9.56 -11.51
C PHE A 207 11.75 -9.20 -12.45
N HIS A 208 12.96 -9.69 -12.15
CA HIS A 208 14.12 -9.34 -12.95
C HIS A 208 14.10 -10.00 -14.31
N HIS A 209 13.53 -11.21 -14.42
CA HIS A 209 13.32 -11.80 -15.74
C HIS A 209 12.38 -10.95 -16.59
N HIS A 210 11.30 -10.45 -15.98
CA HIS A 210 10.36 -9.61 -16.70
C HIS A 210 10.99 -8.30 -17.14
N LEU A 211 11.74 -7.67 -16.24
CA LEU A 211 12.46 -6.45 -16.60
C LEU A 211 13.45 -6.71 -17.74
N CYS A 212 14.13 -7.86 -17.70
CA CYS A 212 15.11 -8.17 -18.73
C CYS A 212 14.44 -8.33 -20.09
N LYS A 213 13.34 -9.10 -20.14
CA LYS A 213 12.63 -9.31 -21.41
C LYS A 213 12.01 -8.04 -21.95
N THR A 214 11.60 -7.12 -21.09
CA THR A 214 11.00 -5.86 -21.54
C THR A 214 12.01 -4.73 -21.66
N HIS A 215 13.30 -4.99 -21.43
CA HIS A 215 14.34 -3.97 -21.53
C HIS A 215 14.11 -2.81 -20.56
N ARG A 216 13.67 -3.16 -19.34
CA ARG A 216 13.34 -2.19 -18.30
C ARG A 216 14.25 -2.32 -17.08
N GLN A 217 15.42 -2.95 -17.24
CA GLN A 217 16.31 -3.13 -16.10
C GLN A 217 16.87 -1.81 -15.58
N SER A 218 16.76 -0.73 -16.35
CA SER A 218 17.20 0.57 -15.85
C SER A 218 16.38 1.04 -14.65
N ILE A 219 15.18 0.49 -14.44
CA ILE A 219 14.38 0.95 -13.30
C ILE A 219 14.93 0.45 -11.98
N LEU A 220 15.75 -0.61 -12.00
CA LEU A 220 16.25 -1.19 -10.75
C LEU A 220 16.96 -0.15 -9.90
N ALA A 221 17.79 0.68 -10.54
CA ALA A 221 18.50 1.74 -9.82
C ALA A 221 17.57 2.83 -9.34
N LYS A 222 16.40 2.97 -9.93
CA LYS A 222 15.51 4.08 -9.58
C LYS A 222 14.46 3.71 -8.54
N LEU A 223 14.36 2.44 -8.15
CA LEU A 223 13.41 2.05 -7.12
C LEU A 223 13.79 2.70 -5.78
N PRO A 224 12.80 3.08 -4.96
CA PRO A 224 13.12 3.70 -3.68
C PRO A 224 13.87 2.71 -2.79
N PRO A 225 14.76 3.21 -1.94
CA PRO A 225 15.36 2.32 -0.94
C PRO A 225 14.29 1.84 0.03
N LYS A 226 14.50 0.64 0.58
CA LYS A 226 13.53 0.09 1.52
C LYS A 226 13.38 1.00 2.74
N GLY A 227 14.48 1.63 3.17
CA GLY A 227 14.40 2.54 4.30
C GLY A 227 13.43 3.68 4.10
N LYS A 228 13.11 4.01 2.85
CA LYS A 228 12.15 5.07 2.58
C LYS A 228 10.72 4.62 2.88
N LEU A 229 10.37 3.40 2.50
CA LEU A 229 9.04 2.88 2.82
C LEU A 229 8.89 2.64 4.32
N ARG A 230 9.96 2.14 4.97
CA ARG A 230 9.97 2.03 6.42
C ARG A 230 9.73 3.39 7.07
N SER A 231 10.36 4.43 6.54
CA SER A 231 10.23 5.77 7.10
C SER A 231 8.82 6.32 6.97
N LEU A 232 8.22 6.18 5.78
CA LEU A 232 6.84 6.66 5.60
C LEU A 232 5.90 5.94 6.54
N CYS A 233 6.07 4.63 6.70
CA CYS A 233 5.20 3.88 7.60
C CYS A 233 5.38 4.33 9.05
N SER A 234 6.61 4.65 9.45
CA SER A 234 6.87 5.13 10.80
C SER A 234 6.21 6.47 11.05
N GLN A 235 6.36 7.41 10.11
CA GLN A 235 5.69 8.70 10.23
C GLN A 235 4.18 8.54 10.41
N HIS A 236 3.55 7.66 9.63
CA HIS A 236 2.10 7.46 9.74
C HIS A 236 1.72 7.01 11.15
N VAL A 237 2.38 5.97 11.65
CA VAL A 237 2.14 5.51 13.01
C VAL A 237 2.35 6.64 14.01
N GLU A 238 3.41 7.42 13.82
CA GLU A 238 3.72 8.48 14.78
C GLU A 238 2.66 9.57 14.77
N ARG A 239 2.19 9.98 13.58
CA ARG A 239 1.14 10.98 13.53
C ARG A 239 -0.17 10.42 14.08
N LEU A 240 -0.43 9.12 13.88
CA LEU A 240 -1.58 8.47 14.49
C LEU A 240 -1.52 8.58 16.01
N GLN A 241 -0.35 8.31 16.60
CA GLN A 241 -0.21 8.41 18.05
C GLN A 241 -0.51 9.82 18.53
N ILE A 242 -0.06 10.82 17.79
CA ILE A 242 -0.40 12.20 18.12
C ILE A 242 -1.91 12.40 18.06
N PHE A 243 -2.55 11.93 16.99
CA PHE A 243 -4.00 12.09 16.89
C PHE A 243 -4.72 11.32 17.98
N GLN A 244 -4.29 10.09 18.25
CA GLN A 244 -4.96 9.26 19.25
C GLN A 244 -4.93 9.93 20.62
N HIS A 245 -3.82 10.60 20.95
CA HIS A 245 -3.75 11.34 22.21
C HIS A 245 -4.75 12.49 22.25
N LEU A 246 -5.04 13.11 21.09
CA LEU A 246 -5.96 14.24 21.06
C LEU A 246 -7.42 13.80 21.08
N HIS A 247 -7.76 12.68 20.44
CA HIS A 247 -9.13 12.17 20.41
C HIS A 247 -9.12 10.66 20.60
N PRO A 248 -8.85 10.17 21.81
CA PRO A 248 -8.78 8.71 21.99
C PRO A 248 -10.12 8.01 21.80
N ILE A 249 -11.24 8.68 22.09
CA ILE A 249 -12.52 8.01 21.96
C ILE A 249 -12.90 7.86 20.49
N VAL A 250 -12.48 8.81 19.65
CA VAL A 250 -12.74 8.72 18.21
C VAL A 250 -12.05 7.50 17.62
N VAL A 251 -10.78 7.30 17.99
CA VAL A 251 -10.06 6.10 17.55
C VAL A 251 -10.78 4.84 18.01
N GLN A 252 -11.11 4.78 19.30
CA GLN A 252 -11.77 3.60 19.85
C GLN A 252 -13.13 3.36 19.18
N ALA A 253 -13.91 4.40 18.96
CA ALA A 253 -15.29 4.23 18.51
C ALA A 253 -15.48 4.29 17.01
N ALA A 254 -14.65 5.05 16.28
CA ALA A 254 -14.94 5.33 14.89
C ALA A 254 -13.83 4.96 13.92
N PHE A 255 -12.72 4.36 14.38
CA PHE A 255 -11.71 3.91 13.44
C PHE A 255 -11.95 2.44 13.08
N PRO A 256 -11.64 2.03 11.85
CA PRO A 256 -11.89 0.65 11.45
C PRO A 256 -11.09 -0.33 12.29
N PRO A 257 -11.67 -1.47 12.65
CA PRO A 257 -10.91 -2.45 13.46
C PRO A 257 -9.60 -2.92 12.82
N LEU A 258 -9.58 -3.17 11.52
CA LEU A 258 -8.34 -3.60 10.88
C LEU A 258 -7.28 -2.52 10.93
N TYR A 259 -7.67 -1.25 10.81
CA TYR A 259 -6.72 -0.16 10.92
C TYR A 259 -6.09 -0.12 12.30
N LYS A 260 -6.91 -0.26 13.34
CA LYS A 260 -6.39 -0.26 14.70
C LYS A 260 -5.44 -1.43 14.92
N GLU A 261 -5.77 -2.62 14.40
CA GLU A 261 -4.90 -3.78 14.57
C GLU A 261 -3.52 -3.51 13.98
N LEU A 262 -3.47 -2.85 12.83
CA LEU A 262 -2.21 -2.64 12.14
C LEU A 262 -1.42 -1.45 12.68
N PHE A 263 -2.09 -0.41 13.19
CA PHE A 263 -1.37 0.84 13.37
C PHE A 263 -1.42 1.46 14.77
N SER A 264 -2.48 1.23 15.53
CA SER A 264 -2.64 1.92 16.80
C SER A 264 -2.17 1.03 17.94
N GLY A 265 -1.50 1.64 18.92
CA GLY A 265 -1.17 0.91 20.13
C GLY A 265 -2.12 1.05 21.31
N GLY A 266 -2.17 0.00 22.12
CA GLY A 266 -2.09 -1.33 21.54
C GLY A 266 -3.43 -1.47 20.84
N GLY A 267 -3.41 -1.69 19.52
CA GLY A 267 -4.65 -1.94 18.79
C GLY A 267 -4.78 -3.39 18.44
N GLU A 268 -3.68 -4.14 18.58
CA GLU A 268 -3.59 -5.47 18.00
C GLU A 268 -4.23 -6.54 18.87
N LYS A 269 -4.84 -6.17 19.99
CA LYS A 269 -5.82 -7.04 20.62
C LYS A 269 -6.89 -7.46 19.62
N HIS A 270 -7.33 -6.54 18.77
CA HIS A 270 -8.20 -6.91 17.65
C HIS A 270 -7.43 -7.83 16.72
N LYS A 271 -7.97 -9.02 16.43
CA LYS A 271 -7.39 -9.78 15.33
C LYS A 271 -8.46 -9.83 14.24
N ILE A 272 -8.33 -8.92 13.29
CA ILE A 272 -9.08 -8.94 12.04
C ILE A 272 -8.35 -9.77 10.99
N LEU A 273 -7.02 -9.60 10.94
CA LEU A 273 -6.19 -10.21 9.91
C LEU A 273 -6.39 -11.71 9.88
N HIS A 274 -6.32 -12.35 11.06
CA HIS A 274 -6.39 -13.81 11.11
C HIS A 274 -7.73 -14.30 10.55
N ARG A 275 -8.82 -13.56 10.80
CA ARG A 275 -10.08 -13.91 10.19
C ARG A 275 -10.07 -13.67 8.68
N LEU A 276 -9.48 -12.55 8.24
CA LEU A 276 -9.38 -12.30 6.80
C LEU A 276 -8.55 -13.38 6.12
N LEU A 277 -7.53 -13.89 6.81
CA LEU A 277 -6.73 -14.99 6.27
C LEU A 277 -7.46 -16.32 6.36
N GLN A 278 -8.23 -16.52 7.43
CA GLN A 278 -8.93 -17.80 7.61
C GLN A 278 -10.07 -17.95 6.63
N ASP A 279 -10.98 -16.99 6.59
CA ASP A 279 -12.10 -17.07 5.66
C ASP A 279 -11.57 -17.19 4.23
N SER A 280 -12.08 -18.21 3.52
CA SER A 280 -11.58 -18.66 2.21
C SER A 280 -10.70 -17.68 1.41
NA NA B . 1.03 8.24 -11.62
#